data_7X0E
#
_entry.id   7X0E
#
_cell.length_a   87.910
_cell.length_b   87.910
_cell.length_c   285.421
_cell.angle_alpha   90.000
_cell.angle_beta   90.000
_cell.angle_gamma   120.000
#
_symmetry.space_group_name_H-M   'P 65 2 2'
#
loop_
_entity.id
_entity.type
_entity.pdbx_description
1 polymer 'AMB antimetabolite synthase AmbB'
2 non-polymer N-methyl-N-[(2S,3R,4R,5R)-2,3,4,5,6-pentakis(oxidanyl)hexyl]nonanamide
3 water water
#
_entity_poly.entity_id   1
_entity_poly.type   'polypeptide(L)'
_entity_poly.pdbx_seq_one_letter_code
;TGAEPQALPSDPLEQALHQAWQAQLGAPPRAGQGFYAAGGDSLRAVHLLATLRQRLSRRVPLQAFAGGPATPEALLELLR
QAAPEGDEPEPSAGAAGLSLAERRLWVAQQLAPEDTSYNLLAHLRIVGATADAIEQALRQLLERHVALRRRVETGVDGPQ
PHALAAHAVPLQRLLASDAVHAERLLEDGVRREGARVFDLAHEAPARLLLVVTRDSARADLLLSVHHYAFDDVSLAVFAA
ELKTLLDGGRLGVLASTPEQVAARERAALASGRLDRVAERWAERLLPLAKAPGAAPARPEESGGRAGQRLALPVSAAVHA
ACRALAERTSVSPFSAALQAFAEVLGAELGVDDLLVGVALAGRSRLEMQGLVGCFVNLLPLAVGLRPEQSVEWRLRQVGH
DLLELLEHQDVPLECVTQALRQRGASGLPIRIACGAHNGRAAPAVDAGVRVEADFIPVPGARLDLTLWLEDQPQGWLAVW
TGVSAIFDLHRIERLHQAWERRLLANAGEPISKRMSPEGCNAS
;
_entity_poly.pdbx_strand_id   A
#
# COMPACT_ATOMS: atom_id res chain seq x y z
N GLY A 97 16.34 -7.63 14.33
CA GLY A 97 15.38 -8.46 13.63
C GLY A 97 14.42 -7.67 12.76
N LEU A 98 13.69 -8.39 11.91
CA LEU A 98 12.69 -7.78 11.05
C LEU A 98 11.33 -7.77 11.74
N SER A 99 10.57 -6.71 11.51
CA SER A 99 9.18 -6.70 11.96
C SER A 99 8.38 -7.71 11.17
N LEU A 100 7.20 -8.06 11.69
CA LEU A 100 6.37 -9.02 10.98
C LEU A 100 5.86 -8.46 9.66
N ALA A 101 5.70 -7.14 9.56
CA ALA A 101 5.35 -6.53 8.28
C ALA A 101 6.48 -6.69 7.27
N GLU A 102 7.72 -6.51 7.71
CA GLU A 102 8.87 -6.73 6.83
C GLU A 102 9.05 -8.21 6.53
N ARG A 103 8.86 -9.07 7.53
CA ARG A 103 9.15 -10.48 7.37
C ARG A 103 8.21 -11.15 6.39
N ARG A 104 6.91 -10.81 6.46
CA ARG A 104 5.94 -11.49 5.60
C ARG A 104 6.21 -11.25 4.12
N LEU A 105 6.78 -10.09 3.77
CA LEU A 105 7.16 -9.86 2.38
C LEU A 105 8.51 -10.47 2.05
N TRP A 106 9.46 -10.43 3.00
CA TRP A 106 10.75 -11.07 2.78
C TRP A 106 10.58 -12.59 2.66
N VAL A 107 9.76 -13.18 3.52
CA VAL A 107 9.53 -14.62 3.46
C VAL A 107 8.88 -14.98 2.13
N ALA A 108 7.81 -14.29 1.76
CA ALA A 108 7.12 -14.58 0.50
C ALA A 108 8.07 -14.51 -0.69
N GLN A 109 9.05 -13.61 -0.63
CA GLN A 109 10.04 -13.54 -1.70
C GLN A 109 10.91 -14.79 -1.73
N GLN A 110 11.34 -15.28 -0.56
CA GLN A 110 12.15 -16.49 -0.51
C GLN A 110 11.39 -17.70 -1.03
N LEU A 111 10.06 -17.71 -0.90
CA LEU A 111 9.28 -18.84 -1.39
C LEU A 111 9.27 -18.92 -2.91
N ALA A 112 9.37 -17.79 -3.61
CA ALA A 112 9.44 -17.76 -5.06
C ALA A 112 10.51 -16.76 -5.46
N PRO A 113 11.78 -17.18 -5.47
CA PRO A 113 12.88 -16.22 -5.65
C PRO A 113 12.86 -15.49 -6.99
N GLU A 114 12.26 -16.06 -8.03
CA GLU A 114 12.21 -15.41 -9.32
C GLU A 114 10.96 -14.56 -9.51
N ASP A 115 10.03 -14.60 -8.56
CA ASP A 115 8.85 -13.74 -8.63
C ASP A 115 9.25 -12.29 -8.38
N THR A 116 8.97 -11.42 -9.35
CA THR A 116 9.33 -10.01 -9.26
C THR A 116 8.15 -9.12 -8.87
N SER A 117 7.04 -9.72 -8.44
CA SER A 117 5.85 -8.94 -8.10
C SER A 117 5.97 -8.22 -6.76
N TYR A 118 7.11 -8.30 -6.09
CA TYR A 118 7.37 -7.51 -4.89
C TYR A 118 8.32 -6.34 -5.17
N ASN A 119 8.64 -6.10 -6.43
CA ASN A 119 9.43 -4.95 -6.82
C ASN A 119 8.52 -3.72 -6.93
N LEU A 120 8.76 -2.72 -6.10
CA LEU A 120 8.04 -1.46 -6.20
C LEU A 120 8.80 -0.49 -7.07
N LEU A 121 8.10 0.14 -8.01
CA LEU A 121 8.69 1.10 -8.94
C LEU A 121 8.01 2.44 -8.76
N ALA A 122 8.79 3.46 -8.39
CA ALA A 122 8.28 4.80 -8.17
C ALA A 122 8.96 5.77 -9.14
N HIS A 123 8.15 6.51 -9.88
CA HIS A 123 8.64 7.51 -10.82
C HIS A 123 8.43 8.89 -10.21
N LEU A 124 9.52 9.60 -9.95
CA LEU A 124 9.48 10.95 -9.42
C LEU A 124 9.82 11.95 -10.52
N ARG A 125 8.95 12.94 -10.71
CA ARG A 125 9.13 13.98 -11.71
C ARG A 125 9.47 15.28 -10.99
N ILE A 126 10.62 15.87 -11.33
CA ILE A 126 11.17 17.01 -10.61
C ILE A 126 11.40 18.15 -11.61
N VAL A 127 10.95 19.34 -11.24
CA VAL A 127 11.12 20.53 -12.07
C VAL A 127 11.73 21.63 -11.20
N GLY A 128 12.83 22.22 -11.66
CA GLY A 128 13.44 23.34 -11.00
C GLY A 128 14.67 23.05 -10.17
N ALA A 129 15.36 21.95 -10.43
CA ALA A 129 16.55 21.59 -9.67
C ALA A 129 17.62 21.08 -10.62
N THR A 130 18.88 21.24 -10.20
CA THR A 130 20.01 20.76 -10.98
C THR A 130 20.27 19.28 -10.70
N ALA A 131 20.92 18.63 -11.67
CA ALA A 131 21.23 17.21 -11.51
C ALA A 131 22.11 16.96 -10.29
N ASP A 132 23.11 17.82 -10.07
CA ASP A 132 23.99 17.64 -8.93
C ASP A 132 23.25 17.82 -7.61
N ALA A 133 22.29 18.75 -7.56
CA ALA A 133 21.50 18.94 -6.35
C ALA A 133 20.61 17.75 -6.07
N ILE A 134 20.00 17.18 -7.10
CA ILE A 134 19.12 16.04 -6.91
C ILE A 134 19.91 14.82 -6.43
N GLU A 135 21.07 14.57 -7.06
CA GLU A 135 21.90 13.46 -6.64
C GLU A 135 22.40 13.64 -5.21
N GLN A 136 22.78 14.86 -4.85
CA GLN A 136 23.23 15.12 -3.48
C GLN A 136 22.11 14.89 -2.47
N ALA A 137 20.93 15.43 -2.75
CA ALA A 137 19.80 15.26 -1.84
C ALA A 137 19.41 13.79 -1.72
N LEU A 138 19.49 13.04 -2.82
CA LEU A 138 19.12 11.62 -2.78
C LEU A 138 20.07 10.83 -1.88
N ARG A 139 21.36 11.15 -1.92
CA ARG A 139 22.32 10.46 -1.06
C ARG A 139 22.06 10.76 0.41
N GLN A 140 21.62 11.99 0.72
CA GLN A 140 21.26 12.30 2.10
C GLN A 140 20.04 11.52 2.56
N LEU A 141 19.04 11.38 1.69
CA LEU A 141 17.85 10.59 2.03
C LEU A 141 18.22 9.13 2.25
N LEU A 142 19.16 8.60 1.48
CA LEU A 142 19.59 7.23 1.67
C LEU A 142 20.30 7.05 3.01
N GLU A 143 21.17 7.99 3.37
CA GLU A 143 21.79 7.96 4.69
C GLU A 143 20.77 8.13 5.80
N ARG A 144 19.74 8.93 5.56
CA ARG A 144 18.74 9.21 6.60
C ARG A 144 17.84 8.01 6.85
N HIS A 145 17.42 7.32 5.80
CA HIS A 145 16.45 6.24 5.90
C HIS A 145 17.17 4.91 5.71
N VAL A 146 17.46 4.23 6.81
CA VAL A 146 18.29 3.03 6.78
C VAL A 146 17.62 1.88 6.05
N ALA A 147 16.28 1.86 5.95
CA ALA A 147 15.61 0.75 5.29
C ALA A 147 16.01 0.63 3.82
N LEU A 148 16.39 1.74 3.20
CA LEU A 148 16.80 1.75 1.80
C LEU A 148 18.21 1.21 1.57
N ARG A 149 18.90 0.79 2.62
CA ARG A 149 20.29 0.37 2.49
C ARG A 149 20.64 -0.68 3.54
N ARG A 150 19.88 -1.77 3.57
CA ARG A 150 20.17 -2.90 4.44
C ARG A 150 20.21 -4.19 3.62
N ARG A 151 20.93 -5.17 4.16
CA ARG A 151 20.92 -6.53 3.64
C ARG A 151 20.37 -7.45 4.72
N VAL A 152 19.96 -8.66 4.31
CA VAL A 152 19.26 -9.58 5.19
C VAL A 152 20.00 -10.91 5.19
N GLU A 153 20.56 -11.29 6.34
CA GLU A 153 21.19 -12.59 6.51
C GLU A 153 20.15 -13.61 6.97
N THR A 154 20.15 -14.77 6.31
CA THR A 154 19.20 -15.83 6.63
C THR A 154 19.57 -16.53 7.93
N PRO A 159 16.42 -14.36 10.00
CA PRO A 159 16.43 -13.14 9.18
C PRO A 159 16.87 -11.92 9.98
N GLN A 160 18.10 -11.45 9.72
CA GLN A 160 18.69 -10.36 10.48
C GLN A 160 19.07 -9.22 9.54
N PRO A 161 18.53 -8.02 9.71
CA PRO A 161 18.98 -6.90 8.88
C PRO A 161 20.34 -6.39 9.33
N HIS A 162 21.12 -5.92 8.36
CA HIS A 162 22.43 -5.32 8.63
C HIS A 162 22.61 -4.14 7.70
N ALA A 163 22.98 -2.99 8.27
CA ALA A 163 23.04 -1.76 7.49
C ALA A 163 24.24 -1.76 6.55
N LEU A 164 24.05 -1.14 5.40
CA LEU A 164 25.12 -0.92 4.43
C LEU A 164 25.35 0.59 4.29
N ALA A 165 26.47 0.93 3.67
CA ALA A 165 26.80 2.33 3.48
C ALA A 165 25.91 2.95 2.41
N ALA A 166 25.67 4.26 2.55
CA ALA A 166 24.79 4.95 1.62
C ALA A 166 25.36 4.98 0.21
N HIS A 167 26.69 4.97 0.08
CA HIS A 167 27.31 4.94 -1.24
C HIS A 167 27.22 3.58 -1.91
N ALA A 168 26.78 2.55 -1.18
CA ALA A 168 26.60 1.22 -1.76
C ALA A 168 25.25 1.05 -2.45
N VAL A 169 24.43 2.09 -2.48
CA VAL A 169 23.15 2.07 -3.19
C VAL A 169 23.41 2.53 -4.62
N PRO A 170 23.12 1.70 -5.64
CA PRO A 170 23.43 2.09 -7.02
C PRO A 170 22.57 3.26 -7.48
N LEU A 171 23.22 4.27 -8.04
CA LEU A 171 22.55 5.44 -8.61
C LEU A 171 23.17 5.69 -9.98
N GLN A 172 22.38 5.48 -11.03
CA GLN A 172 22.83 5.73 -12.39
C GLN A 172 22.29 7.07 -12.87
N ARG A 173 23.15 7.84 -13.53
CA ARG A 173 22.81 9.16 -14.04
C ARG A 173 22.95 9.17 -15.56
N LEU A 174 21.90 9.60 -16.24
CA LEU A 174 21.88 9.64 -17.70
C LEU A 174 21.40 11.00 -18.17
N LEU A 175 21.99 11.49 -19.27
CA LEU A 175 21.60 12.76 -19.87
C LEU A 175 20.82 12.47 -21.14
N ALA A 176 19.59 12.98 -21.20
CA ALA A 176 18.74 12.82 -22.37
C ALA A 176 18.88 14.02 -23.29
N SER A 177 18.89 13.76 -24.60
CA SER A 177 19.05 14.84 -25.56
C SER A 177 17.81 15.72 -25.62
N ASP A 178 16.65 15.19 -25.27
CA ASP A 178 15.41 15.94 -25.30
C ASP A 178 14.38 15.21 -24.43
N ALA A 179 13.16 15.76 -24.41
CA ALA A 179 12.12 15.22 -23.53
C ALA A 179 11.65 13.84 -24.00
N VAL A 180 11.60 13.61 -25.30
CA VAL A 180 11.16 12.31 -25.80
C VAL A 180 12.22 11.25 -25.54
N HIS A 181 13.50 11.61 -25.70
CA HIS A 181 14.57 10.69 -25.33
C HIS A 181 14.53 10.34 -23.85
N ALA A 182 14.14 11.30 -23.01
CA ALA A 182 13.99 11.02 -21.59
C ALA A 182 12.84 10.04 -21.33
N GLU A 183 11.78 10.13 -22.13
CA GLU A 183 10.69 9.16 -22.02
C GLU A 183 11.19 7.75 -22.31
N ARG A 184 11.97 7.59 -23.38
CA ARG A 184 12.46 6.27 -23.78
C ARG A 184 13.39 5.69 -22.72
N LEU A 185 14.18 6.54 -22.06
CA LEU A 185 15.10 6.04 -21.04
C LEU A 185 14.34 5.60 -19.79
N LEU A 186 13.28 6.32 -19.42
CA LEU A 186 12.47 5.89 -18.29
C LEU A 186 11.72 4.61 -18.59
N GLU A 187 11.13 4.51 -19.78
CA GLU A 187 10.42 3.29 -20.17
C GLU A 187 11.37 2.10 -20.19
N ASP A 188 12.60 2.30 -20.67
CA ASP A 188 13.60 1.24 -20.60
C ASP A 188 13.89 0.86 -19.15
N GLY A 189 14.01 1.86 -18.27
CA GLY A 189 14.26 1.55 -16.87
C GLY A 189 13.09 0.87 -16.20
N VAL A 190 11.86 1.25 -16.58
CA VAL A 190 10.68 0.62 -16.01
C VAL A 190 10.65 -0.86 -16.34
N ARG A 191 10.93 -1.20 -17.60
CA ARG A 191 10.94 -2.59 -18.00
C ARG A 191 12.09 -3.35 -17.34
N ARG A 192 13.26 -2.73 -17.24
CA ARG A 192 14.42 -3.41 -16.68
C ARG A 192 14.24 -3.65 -15.18
N GLU A 193 13.79 -2.62 -14.45
CA GLU A 193 13.62 -2.77 -13.01
C GLU A 193 12.45 -3.68 -12.66
N GLY A 194 11.42 -3.72 -13.52
CA GLY A 194 10.32 -4.64 -13.28
C GLY A 194 10.69 -6.10 -13.41
N ALA A 195 11.75 -6.40 -14.15
CA ALA A 195 12.22 -7.77 -14.34
C ALA A 195 13.37 -8.14 -13.42
N ARG A 196 13.95 -7.17 -12.71
CA ARG A 196 15.12 -7.43 -11.89
C ARG A 196 14.76 -8.27 -10.66
N VAL A 197 15.62 -9.25 -10.36
CA VAL A 197 15.56 -10.00 -9.12
C VAL A 197 16.55 -9.38 -8.15
N PHE A 198 16.05 -8.85 -7.05
CA PHE A 198 16.91 -8.23 -6.05
C PHE A 198 17.66 -9.30 -5.25
N ASP A 199 18.96 -9.08 -5.05
CA ASP A 199 19.74 -9.91 -4.15
C ASP A 199 19.66 -9.25 -2.77
N LEU A 200 18.62 -9.63 -2.02
CA LEU A 200 18.36 -9.00 -0.73
C LEU A 200 19.38 -9.41 0.33
N ALA A 201 20.13 -10.48 0.11
CA ALA A 201 21.08 -10.96 1.10
C ALA A 201 22.42 -10.22 1.06
N HIS A 202 22.76 -9.60 -0.07
CA HIS A 202 24.06 -8.99 -0.24
C HIS A 202 24.03 -7.54 -0.72
N GLU A 203 22.91 -7.05 -1.25
CA GLU A 203 22.86 -5.71 -1.82
C GLU A 203 21.72 -4.92 -1.20
N ALA A 204 21.81 -3.60 -1.31
CA ALA A 204 20.74 -2.74 -0.84
C ALA A 204 19.46 -3.03 -1.61
N PRO A 205 18.30 -2.94 -0.95
CA PRO A 205 17.03 -3.23 -1.62
C PRO A 205 16.54 -2.13 -2.53
N ALA A 206 17.30 -1.05 -2.71
CA ALA A 206 16.87 0.09 -3.49
C ALA A 206 17.89 0.39 -4.58
N ARG A 207 17.38 0.85 -5.73
CA ARG A 207 18.22 1.29 -6.84
C ARG A 207 17.60 2.55 -7.44
N LEU A 208 18.46 3.43 -7.94
CA LEU A 208 18.04 4.75 -8.39
C LEU A 208 18.51 5.00 -9.82
N LEU A 209 17.65 5.59 -10.63
CA LEU A 209 17.97 6.00 -11.99
C LEU A 209 17.54 7.45 -12.16
N LEU A 210 18.53 8.34 -12.29
CA LEU A 210 18.27 9.77 -12.46
C LEU A 210 18.50 10.14 -13.93
N VAL A 211 17.46 10.66 -14.58
CA VAL A 211 17.52 11.03 -15.98
C VAL A 211 17.32 12.54 -16.08
N VAL A 212 18.29 13.22 -16.65
CA VAL A 212 18.27 14.68 -16.78
C VAL A 212 18.10 15.03 -18.25
N THR A 213 17.26 16.03 -18.51
CA THR A 213 17.00 16.50 -19.86
C THR A 213 17.83 17.76 -20.12
N ARG A 214 18.56 17.76 -21.23
CA ARG A 214 19.38 18.92 -21.58
CA ARG A 214 19.38 18.91 -21.58
C ARG A 214 18.49 20.08 -21.99
N ASP A 215 18.90 21.29 -21.63
CA ASP A 215 18.15 22.51 -21.91
C ASP A 215 16.73 22.43 -21.36
N SER A 216 16.60 21.88 -20.15
CA SER A 216 15.31 21.71 -19.50
C SER A 216 15.49 21.69 -17.99
N ALA A 217 14.49 22.20 -17.28
CA ALA A 217 14.49 22.18 -15.83
C ALA A 217 13.86 20.90 -15.26
N ARG A 218 13.43 19.98 -16.12
CA ARG A 218 12.82 18.74 -15.68
C ARG A 218 13.85 17.64 -15.53
N ALA A 219 13.80 16.94 -14.42
CA ALA A 219 14.54 15.70 -14.21
C ALA A 219 13.55 14.58 -13.96
N ASP A 220 14.02 13.34 -14.08
CA ASP A 220 13.18 12.17 -13.87
C ASP A 220 13.95 11.15 -13.05
N LEU A 221 13.32 10.71 -11.96
CA LEU A 221 13.94 9.76 -11.03
C LEU A 221 13.08 8.51 -10.95
N LEU A 222 13.70 7.35 -11.18
CA LEU A 222 13.03 6.06 -11.07
C LEU A 222 13.63 5.33 -9.87
N LEU A 223 12.82 5.14 -8.84
CA LEU A 223 13.22 4.42 -7.65
C LEU A 223 12.60 3.03 -7.68
N SER A 224 13.46 2.01 -7.74
CA SER A 224 13.03 0.62 -7.62
C SER A 224 13.50 0.09 -6.28
N VAL A 225 12.56 -0.44 -5.49
CA VAL A 225 12.86 -0.88 -4.14
C VAL A 225 11.98 -2.08 -3.82
N HIS A 226 12.59 -3.09 -3.20
CA HIS A 226 11.82 -4.26 -2.78
C HIS A 226 10.79 -3.87 -1.73
N HIS A 227 9.64 -4.55 -1.78
CA HIS A 227 8.51 -4.16 -0.93
C HIS A 227 8.79 -4.37 0.55
N TYR A 228 9.73 -5.24 0.90
CA TYR A 228 10.04 -5.42 2.32
C TYR A 228 10.69 -4.19 2.94
N ALA A 229 11.10 -3.21 2.12
CA ALA A 229 11.76 -2.01 2.62
C ALA A 229 11.07 -0.73 2.17
N PHE A 230 9.79 -0.80 1.82
CA PHE A 230 9.08 0.36 1.29
C PHE A 230 7.58 0.07 1.33
N ASP A 231 6.80 1.15 1.26
CA ASP A 231 5.35 1.05 1.12
C ASP A 231 4.82 2.38 0.58
N ASP A 232 3.50 2.53 0.58
CA ASP A 232 2.87 3.69 -0.06
C ASP A 232 3.20 4.98 0.69
N VAL A 233 3.07 4.96 2.03
CA VAL A 233 3.35 6.16 2.81
C VAL A 233 4.82 6.53 2.72
N SER A 234 5.70 5.54 2.60
CA SER A 234 7.13 5.82 2.50
C SER A 234 7.45 6.67 1.28
N LEU A 235 6.70 6.48 0.18
CA LEU A 235 6.94 7.30 -1.01
C LEU A 235 6.56 8.75 -0.77
N ALA A 236 5.47 8.99 -0.04
CA ALA A 236 5.07 10.36 0.27
C ALA A 236 6.07 11.03 1.19
N VAL A 237 6.57 10.31 2.19
CA VAL A 237 7.63 10.84 3.05
C VAL A 237 8.88 11.12 2.23
N PHE A 238 9.26 10.18 1.37
CA PHE A 238 10.45 10.34 0.54
C PHE A 238 10.33 11.56 -0.37
N ALA A 239 9.19 11.66 -1.08
CA ALA A 239 9.01 12.76 -2.02
C ALA A 239 8.93 14.11 -1.32
N ALA A 240 8.35 14.14 -0.11
CA ALA A 240 8.24 15.39 0.62
C ALA A 240 9.59 15.87 1.11
N GLU A 241 10.41 14.96 1.66
CA GLU A 241 11.72 15.35 2.16
C GLU A 241 12.69 15.67 1.03
N LEU A 242 12.47 15.09 -0.15
CA LEU A 242 13.26 15.46 -1.31
C LEU A 242 13.02 16.91 -1.69
N LYS A 243 11.75 17.32 -1.78
CA LYS A 243 11.44 18.72 -2.08
C LYS A 243 11.97 19.65 -1.00
N THR A 244 11.92 19.21 0.27
CA THR A 244 12.44 20.02 1.36
C THR A 244 13.92 20.31 1.17
N LEU A 245 14.70 19.27 0.86
CA LEU A 245 16.13 19.46 0.66
C LEU A 245 16.42 20.25 -0.60
N LEU A 246 15.68 19.98 -1.68
CA LEU A 246 15.88 20.71 -2.92
C LEU A 246 15.47 22.17 -2.80
N ASP A 247 14.66 22.52 -1.81
CA ASP A 247 14.29 23.91 -1.54
C ASP A 247 15.26 24.61 -0.60
N GLY A 248 16.28 23.90 -0.11
CA GLY A 248 17.23 24.45 0.83
C GLY A 248 16.86 24.27 2.30
N GLY A 249 15.68 23.73 2.59
CA GLY A 249 15.26 23.53 3.96
C GLY A 249 16.07 22.43 4.64
N ARG A 250 15.76 22.24 5.92
CA ARG A 250 16.42 21.23 6.74
C ARG A 250 15.39 20.21 7.23
N LEU A 251 15.88 19.02 7.54
CA LEU A 251 15.07 17.92 8.02
C LEU A 251 15.31 17.72 9.51
N GLY A 252 14.23 17.44 10.24
CA GLY A 252 14.35 17.17 11.66
C GLY A 252 14.85 15.76 11.93
N VAL A 253 15.19 15.52 13.20
CA VAL A 253 15.67 14.21 13.60
C VAL A 253 14.51 13.22 13.58
N LEU A 254 14.77 12.03 13.04
CA LEU A 254 13.77 10.98 13.03
C LEU A 254 13.51 10.47 14.44
N ALA A 255 12.23 10.25 14.77
CA ALA A 255 11.84 9.79 16.08
C ALA A 255 12.11 8.30 16.32
N SER A 256 12.14 7.49 15.26
CA SER A 256 12.31 6.04 15.41
C SER A 256 13.04 5.50 14.20
N THR A 257 13.21 4.17 14.18
CA THR A 257 13.85 3.43 13.11
C THR A 257 13.06 2.15 12.89
N PRO A 258 13.24 1.48 11.74
CA PRO A 258 12.60 0.17 11.56
C PRO A 258 13.01 -0.84 12.61
N GLU A 259 14.25 -0.77 13.10
CA GLU A 259 14.69 -1.69 14.15
C GLU A 259 13.95 -1.43 15.45
N GLN A 260 13.72 -0.16 15.80
CA GLN A 260 12.95 0.17 16.99
C GLN A 260 11.51 -0.31 16.86
N VAL A 261 10.91 -0.13 15.68
CA VAL A 261 9.55 -0.59 15.45
C VAL A 261 9.46 -2.09 15.64
N ALA A 262 10.43 -2.84 15.10
CA ALA A 262 10.45 -4.28 15.29
C ALA A 262 10.68 -4.64 16.76
N ALA A 263 11.43 -3.82 17.48
CA ALA A 263 11.68 -4.08 18.90
C ALA A 263 10.40 -3.90 19.71
N ARG A 264 9.70 -2.78 19.51
CA ARG A 264 8.45 -2.54 20.22
CA ARG A 264 8.45 -2.56 20.24
C ARG A 264 7.43 -3.64 19.94
N GLU A 265 7.42 -4.16 18.70
CA GLU A 265 6.50 -5.24 18.36
C GLU A 265 6.87 -6.52 19.09
N ARG A 266 8.17 -6.81 19.21
CA ARG A 266 8.59 -7.99 19.97
C ARG A 266 8.11 -7.92 21.41
N ALA A 267 8.16 -6.73 22.01
CA ALA A 267 7.66 -6.56 23.37
C ALA A 267 6.15 -6.72 23.42
N ALA A 268 5.43 -6.05 22.52
CA ALA A 268 3.97 -6.13 22.54
C ALA A 268 3.48 -7.54 22.27
N LEU A 269 4.28 -8.36 21.59
CA LEU A 269 3.90 -9.75 21.38
C LEU A 269 4.07 -10.56 22.66
N ALA A 270 5.22 -10.40 23.34
CA ALA A 270 5.46 -11.13 24.58
C ALA A 270 4.49 -10.69 25.67
N SER A 271 4.14 -9.40 25.70
CA SER A 271 3.14 -8.93 26.65
C SER A 271 1.78 -9.58 26.41
N GLY A 272 1.52 -10.05 25.19
CA GLY A 272 0.31 -10.77 24.89
C GLY A 272 -0.91 -9.93 24.59
N ARG A 273 -0.77 -8.59 24.58
CA ARG A 273 -1.95 -7.76 24.35
C ARG A 273 -2.38 -7.79 22.89
N LEU A 274 -1.45 -7.99 21.96
CA LEU A 274 -1.83 -8.12 20.56
C LEU A 274 -2.61 -9.41 20.32
N ASP A 275 -2.17 -10.51 20.93
CA ASP A 275 -2.88 -11.78 20.75
C ASP A 275 -4.25 -11.76 21.40
N ARG A 276 -4.44 -10.96 22.45
CA ARG A 276 -5.75 -10.86 23.08
C ARG A 276 -6.75 -10.14 22.18
N VAL A 277 -6.29 -9.13 21.44
CA VAL A 277 -7.14 -8.49 20.45
C VAL A 277 -7.45 -9.46 19.32
N ALA A 278 -6.45 -10.21 18.87
CA ALA A 278 -6.67 -11.17 17.79
C ALA A 278 -7.61 -12.28 18.23
N GLU A 279 -7.52 -12.73 19.48
CA GLU A 279 -8.38 -13.80 19.95
C GLU A 279 -9.84 -13.33 20.05
N ARG A 280 -10.07 -12.06 20.34
CA ARG A 280 -11.43 -11.53 20.27
C ARG A 280 -11.94 -11.53 18.84
N TRP A 281 -11.10 -11.10 17.90
CA TRP A 281 -11.50 -11.06 16.49
C TRP A 281 -11.77 -12.47 15.95
N ALA A 282 -11.01 -13.46 16.41
CA ALA A 282 -11.15 -14.82 15.90
C ALA A 282 -12.55 -15.38 16.17
N GLU A 283 -13.22 -14.88 17.21
CA GLU A 283 -14.57 -15.34 17.51
C GLU A 283 -15.54 -14.94 16.40
N ARG A 284 -15.52 -13.67 16.00
CA ARG A 284 -16.42 -13.19 14.96
C ARG A 284 -16.09 -13.80 13.60
N LEU A 285 -14.81 -14.07 13.33
CA LEU A 285 -14.38 -14.53 12.02
C LEU A 285 -14.34 -16.05 11.89
N LEU A 286 -14.55 -16.79 12.98
CA LEU A 286 -14.43 -18.24 12.93
C LEU A 286 -15.35 -18.91 11.92
N PRO A 287 -16.62 -18.53 11.77
CA PRO A 287 -17.45 -19.17 10.74
C PRO A 287 -16.90 -19.01 9.32
N LEU A 288 -16.23 -17.91 9.03
CA LEU A 288 -15.71 -17.66 7.69
C LEU A 288 -14.35 -18.31 7.46
N ALA A 289 -13.66 -18.74 8.49
CA ALA A 289 -12.31 -19.28 8.35
C ALA A 289 -12.33 -20.67 7.71
N ARG A 305 -0.64 -14.93 -10.32
CA ARG A 305 -1.63 -15.17 -11.36
C ARG A 305 -1.82 -13.92 -12.22
N ALA A 306 -2.37 -14.10 -13.41
CA ALA A 306 -2.63 -12.97 -14.31
C ALA A 306 -3.78 -12.13 -13.76
N GLY A 307 -3.64 -10.81 -13.88
CA GLY A 307 -4.64 -9.90 -13.35
C GLY A 307 -4.99 -8.83 -14.35
N GLN A 308 -6.15 -8.22 -14.11
CA GLN A 308 -6.65 -7.11 -14.91
C GLN A 308 -6.86 -5.90 -14.00
N ARG A 309 -6.31 -4.76 -14.40
CA ARG A 309 -6.40 -3.54 -13.63
C ARG A 309 -7.13 -2.47 -14.44
N LEU A 310 -8.05 -1.76 -13.79
CA LEU A 310 -8.80 -0.70 -14.45
C LEU A 310 -9.12 0.39 -13.44
N ALA A 311 -8.65 1.60 -13.73
CA ALA A 311 -8.93 2.76 -12.90
C ALA A 311 -10.07 3.56 -13.53
N LEU A 312 -11.11 3.81 -12.75
CA LEU A 312 -12.28 4.51 -13.24
C LEU A 312 -12.67 5.62 -12.29
N PRO A 313 -13.02 6.79 -12.82
CA PRO A 313 -13.40 7.90 -11.94
C PRO A 313 -14.74 7.64 -11.25
N VAL A 314 -14.81 8.06 -9.99
CA VAL A 314 -16.07 7.99 -9.24
C VAL A 314 -16.91 9.20 -9.62
N SER A 315 -18.12 8.94 -10.13
CA SER A 315 -18.97 10.02 -10.62
C SER A 315 -19.30 11.01 -9.51
N ALA A 316 -19.62 12.24 -9.92
CA ALA A 316 -19.88 13.31 -8.97
C ALA A 316 -21.11 13.00 -8.11
N ALA A 317 -22.15 12.42 -8.73
CA ALA A 317 -23.35 12.07 -7.98
C ALA A 317 -23.05 11.01 -6.93
N VAL A 318 -22.24 10.01 -7.28
CA VAL A 318 -21.86 8.97 -6.32
C VAL A 318 -20.99 9.55 -5.22
N HIS A 319 -20.12 10.51 -5.56
CA HIS A 319 -19.29 11.15 -4.54
C HIS A 319 -20.12 11.91 -3.53
N ALA A 320 -21.09 12.69 -4.01
CA ALA A 320 -21.93 13.48 -3.09
C ALA A 320 -22.85 12.58 -2.29
N ALA A 321 -23.43 11.57 -2.93
CA ALA A 321 -24.30 10.64 -2.20
C ALA A 321 -23.54 9.91 -1.11
N CYS A 322 -22.28 9.56 -1.38
CA CYS A 322 -21.48 8.88 -0.37
C CYS A 322 -21.17 9.79 0.81
N ARG A 323 -21.03 11.10 0.57
CA ARG A 323 -20.77 12.04 1.65
C ARG A 323 -22.02 12.31 2.47
N ALA A 324 -23.16 12.54 1.80
CA ALA A 324 -24.40 12.80 2.51
C ALA A 324 -24.82 11.59 3.33
N LEU A 325 -24.68 10.39 2.76
CA LEU A 325 -24.98 9.17 3.50
C LEU A 325 -24.06 9.02 4.70
N ALA A 326 -22.79 9.42 4.56
CA ALA A 326 -21.85 9.31 5.66
C ALA A 326 -22.12 10.35 6.73
N GLU A 327 -22.57 11.55 6.34
CA GLU A 327 -22.80 12.61 7.32
C GLU A 327 -24.02 12.31 8.19
N ARG A 328 -25.15 12.01 7.55
CA ARG A 328 -26.40 11.71 8.27
CA ARG A 328 -26.36 11.74 8.31
C ARG A 328 -26.35 10.38 9.01
N THR A 329 -25.27 9.60 8.87
CA THR A 329 -25.09 8.37 9.60
C THR A 329 -23.90 8.41 10.55
N SER A 330 -23.07 9.46 10.47
CA SER A 330 -21.93 9.66 11.38
C SER A 330 -20.89 8.55 11.24
N VAL A 331 -20.52 8.27 9.99
CA VAL A 331 -19.43 7.35 9.67
C VAL A 331 -18.57 7.99 8.59
N SER A 332 -17.42 7.39 8.33
CA SER A 332 -16.56 7.88 7.28
C SER A 332 -17.12 7.49 5.90
N PRO A 333 -16.92 8.33 4.88
CA PRO A 333 -17.38 7.95 3.54
C PRO A 333 -16.77 6.66 3.02
N PHE A 334 -15.55 6.33 3.46
CA PHE A 334 -14.95 5.06 3.07
C PHE A 334 -15.79 3.89 3.56
N SER A 335 -16.42 4.03 4.73
CA SER A 335 -17.28 2.96 5.24
C SER A 335 -18.47 2.72 4.32
N ALA A 336 -19.06 3.79 3.78
CA ALA A 336 -20.15 3.63 2.83
C ALA A 336 -19.66 3.00 1.54
N ALA A 337 -18.46 3.37 1.09
CA ALA A 337 -17.89 2.74 -0.10
C ALA A 337 -17.58 1.27 0.14
N LEU A 338 -17.07 0.95 1.34
CA LEU A 338 -16.77 -0.45 1.67
C LEU A 338 -18.05 -1.27 1.78
N GLN A 339 -19.12 -0.68 2.32
CA GLN A 339 -20.37 -1.40 2.45
C GLN A 339 -20.93 -1.80 1.09
N ALA A 340 -21.08 -0.81 0.19
CA ALA A 340 -21.57 -1.11 -1.15
C ALA A 340 -20.64 -2.07 -1.88
N PHE A 341 -19.34 -1.96 -1.64
CA PHE A 341 -18.39 -2.90 -2.21
C PHE A 341 -18.68 -4.33 -1.76
N ALA A 342 -18.85 -4.52 -0.44
CA ALA A 342 -19.13 -5.85 0.07
C ALA A 342 -20.53 -6.33 -0.33
N GLU A 343 -21.49 -5.41 -0.45
CA GLU A 343 -22.85 -5.82 -0.77
C GLU A 343 -22.97 -6.33 -2.21
N VAL A 344 -22.33 -5.65 -3.15
CA VAL A 344 -22.39 -6.06 -4.55
C VAL A 344 -21.74 -7.42 -4.73
N LEU A 345 -20.55 -7.61 -4.14
CA LEU A 345 -19.85 -8.88 -4.29
C LEU A 345 -20.59 -9.99 -3.56
N GLY A 346 -21.09 -9.72 -2.35
CA GLY A 346 -21.80 -10.75 -1.62
C GLY A 346 -23.10 -11.15 -2.27
N ALA A 347 -23.79 -10.20 -2.92
CA ALA A 347 -24.99 -10.54 -3.67
C ALA A 347 -24.67 -11.46 -4.83
N GLU A 348 -23.61 -11.14 -5.58
CA GLU A 348 -23.21 -12.00 -6.69
C GLU A 348 -22.70 -13.34 -6.20
N LEU A 349 -22.04 -13.37 -5.04
CA LEU A 349 -21.49 -14.62 -4.53
C LEU A 349 -22.55 -15.52 -3.88
N GLY A 350 -23.70 -14.97 -3.52
CA GLY A 350 -24.74 -15.76 -2.90
C GLY A 350 -24.53 -16.05 -1.43
N VAL A 351 -23.75 -15.23 -0.73
CA VAL A 351 -23.48 -15.42 0.69
C VAL A 351 -24.11 -14.28 1.46
N ASP A 352 -24.38 -14.54 2.75
CA ASP A 352 -24.87 -13.52 3.66
C ASP A 352 -23.78 -12.99 4.58
N ASP A 353 -22.55 -13.47 4.42
CA ASP A 353 -21.41 -13.02 5.21
C ASP A 353 -20.19 -13.01 4.30
N LEU A 354 -19.47 -11.89 4.29
CA LEU A 354 -18.37 -11.68 3.35
C LEU A 354 -17.10 -11.29 4.09
N LEU A 355 -16.04 -12.07 3.90
CA LEU A 355 -14.73 -11.73 4.43
C LEU A 355 -14.05 -10.72 3.53
N VAL A 356 -13.63 -9.59 4.11
CA VAL A 356 -13.00 -8.51 3.36
C VAL A 356 -11.74 -8.08 4.10
N GLY A 357 -10.59 -8.18 3.43
CA GLY A 357 -9.36 -7.64 3.98
C GLY A 357 -9.31 -6.13 3.79
N VAL A 358 -8.73 -5.44 4.77
CA VAL A 358 -8.58 -3.99 4.73
C VAL A 358 -7.10 -3.67 4.84
N ALA A 359 -6.57 -2.98 3.84
CA ALA A 359 -5.16 -2.60 3.82
C ALA A 359 -4.95 -1.38 4.71
N LEU A 360 -4.02 -1.49 5.65
CA LEU A 360 -3.77 -0.46 6.64
C LEU A 360 -2.31 -0.03 6.59
N ALA A 361 -2.08 1.27 6.82
CA ALA A 361 -0.71 1.79 6.79
C ALA A 361 0.15 1.20 7.90
N GLY A 362 -0.46 0.71 8.98
CA GLY A 362 0.28 0.09 10.06
C GLY A 362 1.15 1.03 10.87
N ARG A 363 0.98 2.34 10.73
CA ARG A 363 1.75 3.32 11.47
C ARG A 363 0.88 3.77 12.64
N SER A 364 1.00 3.07 13.76
CA SER A 364 0.08 3.21 14.88
C SER A 364 0.45 4.30 15.87
N ARG A 365 1.65 4.87 15.78
CA ARG A 365 2.09 5.91 16.70
C ARG A 365 2.60 7.11 15.91
N LEU A 366 2.77 8.24 16.60
CA LEU A 366 3.31 9.42 15.96
C LEU A 366 4.75 9.21 15.51
N GLU A 367 5.51 8.39 16.24
CA GLU A 367 6.90 8.13 15.88
C GLU A 367 7.04 7.36 14.58
N MET A 368 5.97 6.72 14.12
CA MET A 368 6.00 5.91 12.91
C MET A 368 5.55 6.68 11.66
N GLN A 369 5.06 7.91 11.83
CA GLN A 369 4.44 8.62 10.70
C GLN A 369 5.46 9.12 9.69
N GLY A 370 6.73 9.23 10.06
CA GLY A 370 7.73 9.77 9.16
C GLY A 370 8.80 8.77 8.74
N LEU A 371 8.62 7.51 9.08
CA LEU A 371 9.61 6.50 8.75
C LEU A 371 9.47 6.05 7.30
N VAL A 372 10.57 5.54 6.75
CA VAL A 372 10.60 4.91 5.44
C VAL A 372 10.87 3.42 5.67
N GLY A 373 10.04 2.59 5.07
CA GLY A 373 10.14 1.15 5.25
C GLY A 373 8.81 0.50 4.93
N CYS A 374 8.68 -0.76 5.39
CA CYS A 374 7.46 -1.53 5.18
C CYS A 374 6.73 -1.67 6.51
N PHE A 375 5.55 -1.06 6.59
CA PHE A 375 4.71 -1.14 7.77
C PHE A 375 3.28 -1.55 7.45
N VAL A 376 2.94 -1.75 6.18
CA VAL A 376 1.57 -2.03 5.80
C VAL A 376 1.10 -3.34 6.43
N ASN A 377 -0.18 -3.38 6.78
CA ASN A 377 -0.81 -4.54 7.39
C ASN A 377 -2.14 -4.79 6.70
N LEU A 378 -2.54 -6.05 6.63
CA LEU A 378 -3.81 -6.44 6.04
C LEU A 378 -4.62 -7.15 7.10
N LEU A 379 -5.73 -6.54 7.51
CA LEU A 379 -6.55 -7.12 8.56
C LEU A 379 -7.96 -7.41 8.04
N PRO A 380 -8.56 -8.51 8.49
CA PRO A 380 -9.88 -8.89 7.99
C PRO A 380 -11.01 -8.29 8.80
N LEU A 381 -12.12 -8.04 8.10
CA LEU A 381 -13.39 -7.75 8.74
C LEU A 381 -14.49 -8.53 8.01
N ALA A 382 -15.60 -8.71 8.70
CA ALA A 382 -16.75 -9.43 8.16
C ALA A 382 -17.91 -8.46 7.99
N VAL A 383 -18.49 -8.43 6.80
CA VAL A 383 -19.67 -7.62 6.51
C VAL A 383 -20.87 -8.55 6.46
N GLY A 384 -21.82 -8.34 7.38
CA GLY A 384 -23.05 -9.11 7.37
C GLY A 384 -23.98 -8.60 6.28
N LEU A 385 -24.52 -9.54 5.50
CA LEU A 385 -25.40 -9.21 4.38
C LEU A 385 -26.78 -9.82 4.58
N ARG A 386 -27.27 -9.78 5.81
CA ARG A 386 -28.60 -10.26 6.10
C ARG A 386 -29.63 -9.20 5.72
N PRO A 387 -30.66 -9.54 4.95
CA PRO A 387 -31.70 -8.55 4.63
C PRO A 387 -32.51 -8.11 5.83
N GLU A 388 -32.37 -8.79 6.97
CA GLU A 388 -33.05 -8.38 8.20
C GLU A 388 -32.63 -6.97 8.60
N GLN A 389 -31.32 -6.73 8.67
CA GLN A 389 -30.81 -5.45 9.15
C GLN A 389 -31.12 -4.34 8.15
N SER A 390 -31.26 -3.13 8.68
CA SER A 390 -31.47 -1.96 7.84
C SER A 390 -30.16 -1.57 7.15
N VAL A 391 -30.29 -0.72 6.13
CA VAL A 391 -29.11 -0.21 5.44
C VAL A 391 -28.29 0.68 6.36
N GLU A 392 -28.95 1.58 7.08
CA GLU A 392 -28.25 2.47 7.98
C GLU A 392 -27.54 1.72 9.10
N TRP A 393 -28.08 0.57 9.52
CA TRP A 393 -27.47 -0.15 10.62
C TRP A 393 -26.30 -1.02 10.15
N ARG A 394 -26.42 -1.62 8.97
CA ARG A 394 -25.27 -2.33 8.40
C ARG A 394 -24.11 -1.37 8.17
N LEU A 395 -24.42 -0.13 7.76
CA LEU A 395 -23.37 0.87 7.57
C LEU A 395 -22.70 1.23 8.89
N ARG A 396 -23.49 1.38 9.96
CA ARG A 396 -22.90 1.69 11.26
C ARG A 396 -22.02 0.55 11.76
N GLN A 397 -22.42 -0.69 11.49
CA GLN A 397 -21.60 -1.84 11.89
C GLN A 397 -20.31 -1.90 11.08
N VAL A 398 -20.37 -1.53 9.80
CA VAL A 398 -19.17 -1.55 8.96
C VAL A 398 -18.23 -0.42 9.37
N GLY A 399 -18.78 0.78 9.56
CA GLY A 399 -17.95 1.90 9.98
C GLY A 399 -17.29 1.68 11.33
N HIS A 400 -17.96 0.95 12.23
CA HIS A 400 -17.39 0.68 13.54
C HIS A 400 -16.30 -0.38 13.46
N ASP A 401 -16.57 -1.50 12.76
CA ASP A 401 -15.54 -2.52 12.58
C ASP A 401 -14.34 -1.96 11.84
N LEU A 402 -14.56 -1.01 10.93
CA LEU A 402 -13.44 -0.37 10.23
C LEU A 402 -12.59 0.45 11.20
N LEU A 403 -13.24 1.24 12.05
CA LEU A 403 -12.51 2.03 13.05
C LEU A 403 -11.78 1.13 14.04
N GLU A 404 -12.35 -0.05 14.34
CA GLU A 404 -11.67 -0.98 15.23
C GLU A 404 -10.37 -1.49 14.61
N LEU A 405 -10.38 -1.77 13.31
CA LEU A 405 -9.15 -2.19 12.64
C LEU A 405 -8.12 -1.06 12.64
N LEU A 406 -8.57 0.17 12.38
CA LEU A 406 -7.67 1.31 12.39
C LEU A 406 -7.11 1.57 13.79
N GLU A 407 -7.93 1.33 14.83
CA GLU A 407 -7.46 1.52 16.19
C GLU A 407 -6.43 0.48 16.59
N HIS A 408 -6.50 -0.72 16.02
CA HIS A 408 -5.59 -1.81 16.34
C HIS A 408 -4.73 -2.17 15.13
N GLN A 409 -4.23 -1.15 14.44
CA GLN A 409 -3.40 -1.35 13.25
C GLN A 409 -2.17 -2.20 13.57
N ASP A 410 -1.65 -2.10 14.80
CA ASP A 410 -0.42 -2.77 15.17
C ASP A 410 -0.59 -4.26 15.43
N VAL A 411 -1.82 -4.78 15.37
CA VAL A 411 -2.05 -6.22 15.52
C VAL A 411 -1.71 -6.88 14.19
N PRO A 412 -0.62 -7.67 14.13
CA PRO A 412 -0.23 -8.24 12.84
C PRO A 412 -1.17 -9.34 12.40
N LEU A 413 -1.22 -9.54 11.08
CA LEU A 413 -2.12 -10.55 10.50
C LEU A 413 -1.84 -11.94 11.04
N GLU A 414 -0.57 -12.23 11.35
CA GLU A 414 -0.21 -13.56 11.83
C GLU A 414 -0.85 -13.86 13.20
N CYS A 415 -1.15 -12.83 13.98
CA CYS A 415 -1.81 -13.05 15.26
C CYS A 415 -3.24 -13.55 15.07
N VAL A 416 -3.97 -12.94 14.12
CA VAL A 416 -5.32 -13.40 13.83
C VAL A 416 -5.31 -14.81 13.28
N THR A 417 -4.33 -15.12 12.42
CA THR A 417 -4.19 -16.49 11.91
C THR A 417 -3.86 -17.45 13.04
N GLN A 418 -2.98 -17.04 13.95
CA GLN A 418 -2.66 -17.86 15.12
C GLN A 418 -3.90 -18.13 15.96
N ALA A 419 -4.71 -17.09 16.19
CA ALA A 419 -5.90 -17.25 17.01
C ALA A 419 -6.91 -18.17 16.34
N LEU A 420 -7.00 -18.12 15.02
CA LEU A 420 -7.95 -18.98 14.31
C LEU A 420 -7.50 -20.44 14.33
N ARG A 421 -6.21 -20.68 14.16
CA ARG A 421 -5.71 -22.05 14.22
C ARG A 421 -5.84 -22.64 15.62
N GLN A 422 -5.84 -21.79 16.66
CA GLN A 422 -6.09 -22.28 18.00
C GLN A 422 -7.55 -22.71 18.17
N ARG A 423 -8.46 -22.13 17.40
CA ARG A 423 -9.88 -22.47 17.45
C ARG A 423 -10.25 -23.58 16.48
N GLY A 424 -9.27 -24.20 15.82
CA GLY A 424 -9.53 -25.35 14.98
C GLY A 424 -9.55 -25.07 13.49
N ALA A 425 -9.26 -23.84 13.07
CA ALA A 425 -9.29 -23.49 11.66
C ALA A 425 -7.89 -23.64 11.05
N SER A 426 -7.85 -23.91 9.75
CA SER A 426 -6.55 -24.04 9.08
C SER A 426 -5.94 -22.67 8.82
N GLY A 427 -6.77 -21.64 8.71
CA GLY A 427 -6.26 -20.31 8.43
C GLY A 427 -7.40 -19.39 8.06
N LEU A 428 -7.05 -18.27 7.44
CA LEU A 428 -8.04 -17.26 7.04
C LEU A 428 -7.93 -17.01 5.55
N PRO A 429 -8.87 -17.48 4.75
CA PRO A 429 -8.77 -17.33 3.28
C PRO A 429 -9.32 -16.00 2.79
N ILE A 430 -8.49 -14.97 2.90
CA ILE A 430 -8.84 -13.65 2.38
C ILE A 430 -8.71 -13.67 0.87
N ARG A 431 -9.84 -13.53 0.17
CA ARG A 431 -9.86 -13.50 -1.29
C ARG A 431 -10.11 -12.11 -1.85
N ILE A 432 -10.71 -11.22 -1.07
CA ILE A 432 -11.06 -9.87 -1.50
CA ILE A 432 -10.98 -9.86 -1.54
C ILE A 432 -10.47 -8.89 -0.50
N ALA A 433 -10.08 -7.70 -0.98
CA ALA A 433 -9.54 -6.68 -0.11
C ALA A 433 -9.82 -5.30 -0.69
N CYS A 434 -9.56 -4.27 0.11
CA CYS A 434 -9.76 -2.90 -0.31
C CYS A 434 -8.84 -1.99 0.48
N GLY A 435 -8.69 -0.76 -0.01
CA GLY A 435 -7.83 0.21 0.65
C GLY A 435 -8.05 1.59 0.06
N ALA A 436 -7.35 2.56 0.65
CA ALA A 436 -7.44 3.95 0.22
C ALA A 436 -6.06 4.58 0.26
N HIS A 437 -5.71 5.31 -0.80
CA HIS A 437 -4.42 5.98 -0.89
C HIS A 437 -4.54 7.45 -0.50
N ALA A 447 5.03 26.99 -4.51
CA ALA A 447 6.29 27.65 -4.83
C ALA A 447 7.47 26.70 -4.59
N GLY A 448 8.61 27.02 -5.18
CA GLY A 448 9.80 26.21 -5.02
C GLY A 448 9.91 25.12 -6.07
N VAL A 449 10.68 24.08 -5.72
CA VAL A 449 10.88 22.95 -6.62
C VAL A 449 9.61 22.10 -6.65
N ARG A 450 9.23 21.67 -7.85
CA ARG A 450 8.05 20.84 -8.04
C ARG A 450 8.46 19.37 -8.05
N VAL A 451 7.83 18.57 -7.20
CA VAL A 451 8.12 17.15 -7.07
C VAL A 451 6.82 16.37 -7.09
N GLU A 452 6.67 15.46 -8.05
CA GLU A 452 5.54 14.55 -8.13
C GLU A 452 6.05 13.12 -8.07
N ALA A 453 5.35 12.27 -7.33
CA ALA A 453 5.75 10.89 -7.15
C ALA A 453 4.56 9.97 -7.39
N ASP A 454 4.75 8.95 -8.22
CA ASP A 454 3.71 7.98 -8.53
C ASP A 454 4.32 6.60 -8.65
N PHE A 455 3.70 5.62 -7.99
CA PHE A 455 4.07 4.23 -8.23
C PHE A 455 3.60 3.80 -9.62
N ILE A 456 4.32 2.84 -10.19
CA ILE A 456 3.89 2.15 -11.40
C ILE A 456 3.31 0.81 -10.98
N PRO A 457 2.03 0.53 -11.28
CA PRO A 457 1.36 -0.62 -10.65
C PRO A 457 2.06 -1.93 -10.92
N VAL A 458 2.11 -2.77 -9.89
CA VAL A 458 2.66 -4.13 -10.05
C VAL A 458 1.66 -4.98 -10.82
N PRO A 459 2.09 -5.72 -11.84
CA PRO A 459 1.17 -6.63 -12.53
C PRO A 459 0.82 -7.83 -11.67
N GLY A 460 -0.27 -8.49 -12.05
CA GLY A 460 -0.70 -9.69 -11.38
C GLY A 460 -1.88 -9.47 -10.46
N ALA A 461 -2.22 -10.53 -9.72
CA ALA A 461 -3.35 -10.49 -8.80
C ALA A 461 -3.19 -11.63 -7.79
N ARG A 462 -2.56 -11.32 -6.65
CA ARG A 462 -2.48 -12.29 -5.57
C ARG A 462 -3.87 -12.61 -5.03
N LEU A 463 -4.71 -11.59 -4.87
CA LEU A 463 -6.08 -11.76 -4.44
C LEU A 463 -7.02 -11.75 -5.65
N ASP A 464 -8.22 -12.28 -5.44
CA ASP A 464 -9.16 -12.40 -6.55
C ASP A 464 -9.67 -11.03 -7.00
N LEU A 465 -9.84 -10.09 -6.05
CA LEU A 465 -10.35 -8.78 -6.41
C LEU A 465 -10.00 -7.78 -5.31
N THR A 466 -9.50 -6.61 -5.71
CA THR A 466 -9.22 -5.52 -4.79
C THR A 466 -9.79 -4.22 -5.36
N LEU A 467 -10.18 -3.33 -4.46
CA LEU A 467 -10.66 -2.00 -4.83
C LEU A 467 -9.87 -0.97 -4.03
N TRP A 468 -9.19 -0.07 -4.73
CA TRP A 468 -8.44 1.01 -4.10
C TRP A 468 -9.03 2.34 -4.52
N LEU A 469 -9.30 3.20 -3.53
CA LEU A 469 -9.78 4.55 -3.78
C LEU A 469 -8.64 5.54 -3.60
N GLU A 470 -8.41 6.37 -4.62
CA GLU A 470 -7.41 7.42 -4.55
C GLU A 470 -8.08 8.77 -4.77
N ASP A 471 -7.40 9.82 -4.32
CA ASP A 471 -7.91 11.17 -4.37
C ASP A 471 -7.40 11.89 -5.61
N GLN A 472 -7.97 13.08 -5.86
CA GLN A 472 -7.57 13.90 -7.00
C GLN A 472 -6.54 14.93 -6.60
N GLY A 475 -12.12 14.27 -8.59
CA GLY A 475 -12.61 13.64 -7.38
C GLY A 475 -11.93 12.31 -7.09
N TRP A 476 -12.69 11.38 -6.53
CA TRP A 476 -12.22 10.04 -6.20
CA TRP A 476 -12.03 10.12 -6.22
C TRP A 476 -11.90 9.25 -7.46
N LEU A 477 -11.06 8.24 -7.34
CA LEU A 477 -10.72 7.34 -8.43
C LEU A 477 -10.75 5.91 -7.91
N ALA A 478 -11.52 5.06 -8.57
CA ALA A 478 -11.69 3.66 -8.16
C ALA A 478 -10.76 2.79 -8.99
N VAL A 479 -9.82 2.11 -8.32
CA VAL A 479 -8.84 1.24 -8.97
C VAL A 479 -9.22 -0.20 -8.67
N TRP A 480 -9.75 -0.89 -9.67
CA TRP A 480 -10.15 -2.28 -9.54
C TRP A 480 -9.07 -3.19 -10.12
N THR A 481 -8.71 -4.23 -9.37
CA THR A 481 -7.77 -5.24 -9.83
C THR A 481 -8.38 -6.61 -9.59
N GLY A 482 -8.67 -7.33 -10.68
CA GLY A 482 -9.29 -8.63 -10.60
C GLY A 482 -8.43 -9.67 -11.29
N VAL A 483 -8.47 -10.90 -10.76
CA VAL A 483 -7.76 -12.00 -11.38
C VAL A 483 -8.39 -12.29 -12.73
N SER A 484 -7.54 -12.52 -13.75
CA SER A 484 -8.02 -12.67 -15.12
C SER A 484 -8.90 -13.90 -15.30
N ALA A 485 -8.76 -14.91 -14.45
CA ALA A 485 -9.60 -16.09 -14.55
C ALA A 485 -11.07 -15.79 -14.31
N ILE A 486 -11.37 -14.63 -13.70
CA ILE A 486 -12.75 -14.25 -13.40
C ILE A 486 -13.11 -12.97 -14.13
N PHE A 487 -12.15 -12.06 -14.29
CA PHE A 487 -12.41 -10.73 -14.81
C PHE A 487 -11.64 -10.48 -16.10
N ASP A 488 -12.32 -9.93 -17.09
CA ASP A 488 -11.68 -9.13 -18.12
C ASP A 488 -11.98 -7.66 -17.84
N LEU A 489 -11.44 -6.78 -18.67
CA LEU A 489 -11.64 -5.35 -18.44
C LEU A 489 -13.12 -5.00 -18.46
N HIS A 490 -13.89 -5.60 -19.37
CA HIS A 490 -15.30 -5.25 -19.51
C HIS A 490 -16.11 -5.62 -18.27
N ARG A 491 -15.86 -6.80 -17.70
CA ARG A 491 -16.55 -7.17 -16.47
C ARG A 491 -16.21 -6.22 -15.32
N ILE A 492 -14.98 -5.70 -15.31
CA ILE A 492 -14.60 -4.73 -14.29
C ILE A 492 -15.41 -3.45 -14.43
N GLU A 493 -15.61 -2.97 -15.67
CA GLU A 493 -16.44 -1.80 -15.88
CA GLU A 493 -16.44 -1.80 -15.88
C GLU A 493 -17.87 -2.03 -15.40
N ARG A 494 -18.42 -3.22 -15.67
CA ARG A 494 -19.76 -3.53 -15.21
C ARG A 494 -19.81 -3.62 -13.68
N LEU A 495 -18.74 -4.15 -13.08
CA LEU A 495 -18.67 -4.21 -11.62
C LEU A 495 -18.61 -2.81 -11.01
N HIS A 496 -17.86 -1.90 -11.64
CA HIS A 496 -17.79 -0.52 -11.15
C HIS A 496 -19.15 0.15 -11.22
N GLN A 497 -19.90 -0.10 -12.29
CA GLN A 497 -21.22 0.52 -12.43
C GLN A 497 -22.20 -0.03 -11.40
N ALA A 498 -22.16 -1.34 -11.15
CA ALA A 498 -23.00 -1.92 -10.11
C ALA A 498 -22.64 -1.37 -8.74
N TRP A 499 -21.36 -1.10 -8.51
CA TRP A 499 -20.92 -0.51 -7.25
C TRP A 499 -21.43 0.91 -7.08
N GLU A 500 -21.39 1.70 -8.16
CA GLU A 500 -21.91 3.06 -8.10
C GLU A 500 -23.42 3.07 -7.90
N ARG A 501 -24.13 2.15 -8.56
CA ARG A 501 -25.58 2.08 -8.39
C ARG A 501 -25.97 1.69 -6.97
N ARG A 502 -25.24 0.73 -6.39
CA ARG A 502 -25.53 0.32 -5.02
C ARG A 502 -25.33 1.47 -4.04
N LEU A 503 -24.31 2.30 -4.28
CA LEU A 503 -24.08 3.44 -3.42
C LEU A 503 -25.21 4.46 -3.53
N LEU A 504 -25.62 4.79 -4.76
CA LEU A 504 -26.72 5.72 -4.96
C LEU A 504 -28.00 5.18 -4.35
N ALA A 505 -28.23 3.87 -4.47
CA ALA A 505 -29.41 3.26 -3.85
C ALA A 505 -29.32 3.31 -2.33
N ASN A 506 -28.14 2.97 -1.78
CA ASN A 506 -27.95 2.99 -0.34
C ASN A 506 -28.17 4.39 0.22
N ALA A 507 -27.96 5.43 -0.57
CA ALA A 507 -28.17 6.80 -0.13
C ALA A 507 -29.53 7.30 -0.58
#